data_2Y3Y
#
_entry.id   2Y3Y
#
_cell.length_a   72.970
_cell.length_b   72.970
_cell.length_c   116.730
_cell.angle_alpha   90.00
_cell.angle_beta   90.00
_cell.angle_gamma   90.00
#
_symmetry.space_group_name_H-M   'P 43'
#
loop_
_entity.id
_entity.type
_entity.pdbx_description
1 polymer 'PUTATIVE NICKEL-RESPONSIVE REGULATOR'
2 polymer UNDECAPEPTIDE-GSSSGSASGAG
3 non-polymer 'NICKEL (II) ION'
4 non-polymer '4-(2-HYDROXYETHYL)-1-PIPERAZINE ETHANESULFONIC ACID'
5 non-polymer DI(HYDROXYETHYL)ETHER
6 water water
#
loop_
_entity_poly.entity_id
_entity_poly.type
_entity_poly.pdbx_seq_one_letter_code
_entity_poly.pdbx_strand_id
1 'polypeptide(L)'
;NPNDESKIAVLVVIYDHHQRELNQRMIDIQHASGTHVLCTTHIHMDEHNCLETIILQGNSFEIQRLQLEIGGLRGVKFAK
LTKASSFEHNE
;
A,B,C,D
2 'polypeptide(L)' GSSSGSASGAG Q
#
loop_
_chem_comp.id
_chem_comp.type
_chem_comp.name
_chem_comp.formula
EPE non-polymer '4-(2-HYDROXYETHYL)-1-PIPERAZINE ETHANESULFONIC ACID' 'C8 H18 N2 O4 S'
NI non-polymer 'NICKEL (II) ION' 'Ni 2'
PEG non-polymer DI(HYDROXYETHYL)ETHER 'C4 H10 O3'
#
# COMPACT_ATOMS: atom_id res chain seq x y z
N ASN A 3 4.06 -27.42 2.51
CA ASN A 3 2.88 -27.48 3.45
C ASN A 3 1.51 -27.91 2.79
N ASP A 4 0.41 -27.71 3.51
CA ASP A 4 -0.88 -27.41 2.88
C ASP A 4 -1.52 -26.15 3.57
N GLU A 5 -1.14 -25.96 4.83
CA GLU A 5 -1.68 -24.97 5.77
C GLU A 5 -1.62 -23.53 5.21
N SER A 6 -2.77 -22.91 4.94
CA SER A 6 -2.89 -21.55 4.34
C SER A 6 -2.57 -20.34 5.27
N LYS A 7 -1.60 -19.49 4.89
CA LYS A 7 -1.12 -18.46 5.80
C LYS A 7 -0.99 -17.10 5.15
N ILE A 8 -1.06 -16.03 5.94
CA ILE A 8 -0.75 -14.70 5.50
C ILE A 8 0.61 -14.19 6.04
N ALA A 9 1.35 -13.42 5.23
CA ALA A 9 2.65 -12.95 5.64
C ALA A 9 2.98 -11.54 5.05
N VAL A 10 3.93 -10.84 5.66
CA VAL A 10 4.44 -9.60 5.12
C VAL A 10 5.93 -9.71 4.93
N LEU A 11 6.40 -9.31 3.74
CA LEU A 11 7.84 -9.28 3.44
C LEU A 11 8.19 -7.82 3.38
N VAL A 12 9.15 -7.40 4.21
CA VAL A 12 9.51 -6.00 4.25
C VAL A 12 10.87 -5.87 3.57
N VAL A 13 10.95 -5.00 2.58
CA VAL A 13 12.13 -4.94 1.73
C VAL A 13 12.69 -3.53 1.70
N ILE A 14 14.00 -3.45 1.74
CA ILE A 14 14.67 -2.20 1.42
C ILE A 14 15.66 -2.49 0.32
N TYR A 15 15.63 -1.62 -0.66
CA TYR A 15 16.43 -1.73 -1.83
C TYR A 15 16.65 -0.36 -2.43
N ASP A 16 17.55 -0.34 -3.40
CA ASP A 16 17.91 0.88 -4.11
C ASP A 16 17.35 0.75 -5.48
N HIS A 17 16.48 1.66 -5.90
CA HIS A 17 15.92 1.44 -7.22
C HIS A 17 16.89 1.79 -8.34
N HIS A 18 18.05 2.38 -8.01
CA HIS A 18 19.08 2.66 -9.07
C HIS A 18 19.75 1.43 -9.56
N GLN A 19 19.80 0.40 -8.71
CA GLN A 19 20.24 -0.92 -9.12
C GLN A 19 19.63 -1.37 -10.47
N ARG A 20 20.52 -1.62 -11.43
CA ARG A 20 20.12 -1.99 -12.78
C ARG A 20 19.22 -3.23 -12.74
N GLU A 21 18.02 -3.11 -13.33
CA GLU A 21 17.08 -4.23 -13.56
C GLU A 21 16.40 -4.85 -12.28
N LEU A 22 16.57 -4.24 -11.12
CA LEU A 22 16.06 -4.79 -9.88
C LEU A 22 14.55 -4.78 -9.83
N ASN A 23 14.01 -3.62 -10.18
CA ASN A 23 12.60 -3.44 -10.18
C ASN A 23 11.96 -4.39 -11.17
N GLN A 24 12.60 -4.57 -12.32
CA GLN A 24 12.04 -5.49 -13.31
C GLN A 24 11.91 -6.94 -12.76
N ARG A 25 12.99 -7.42 -12.16
CA ARG A 25 13.01 -8.70 -11.46
C ARG A 25 12.02 -8.87 -10.33
N MET A 26 11.98 -7.97 -9.35
CA MET A 26 11.02 -8.06 -8.27
C MET A 26 9.58 -8.14 -8.78
N ILE A 27 9.19 -7.28 -9.70
CA ILE A 27 7.82 -7.25 -10.18
C ILE A 27 7.53 -8.49 -11.04
N ASP A 28 8.52 -8.93 -11.84
CA ASP A 28 8.26 -10.16 -12.67
C ASP A 28 8.07 -11.33 -11.76
N ILE A 29 8.95 -11.46 -10.74
CA ILE A 29 8.70 -12.52 -9.76
C ILE A 29 7.24 -12.47 -9.20
N GLN A 30 6.74 -11.29 -8.82
CA GLN A 30 5.43 -11.18 -8.14
C GLN A 30 4.37 -11.41 -9.13
N HIS A 31 4.52 -10.90 -10.35
CA HIS A 31 3.47 -11.20 -11.34
C HIS A 31 3.39 -12.70 -11.71
N ALA A 32 4.54 -13.36 -11.81
CA ALA A 32 4.57 -14.80 -12.15
C ALA A 32 4.11 -15.67 -10.99
N SER A 33 4.00 -15.13 -9.77
CA SER A 33 3.60 -15.96 -8.60
C SER A 33 2.07 -16.10 -8.35
N GLY A 34 1.21 -15.87 -9.33
CA GLY A 34 -0.27 -16.02 -9.17
C GLY A 34 -0.89 -15.21 -8.03
N THR A 35 -1.66 -15.85 -7.17
CA THR A 35 -2.43 -15.17 -6.14
C THR A 35 -1.60 -15.06 -4.84
N HIS A 36 -0.39 -15.57 -4.86
CA HIS A 36 0.50 -15.40 -3.73
C HIS A 36 0.75 -14.01 -3.21
N VAL A 37 0.65 -13.01 -4.09
CA VAL A 37 0.95 -11.64 -3.74
C VAL A 37 -0.35 -10.82 -3.73
N LEU A 38 -0.69 -10.29 -2.56
CA LEU A 38 -1.92 -9.52 -2.45
C LEU A 38 -1.70 -8.10 -2.93
N CYS A 39 -0.68 -7.39 -2.42
CA CYS A 39 -0.37 -6.03 -2.79
C CYS A 39 1.00 -5.72 -2.22
N THR A 40 1.54 -4.58 -2.70
CA THR A 40 2.76 -3.99 -2.21
C THR A 40 2.52 -2.52 -1.88
N THR A 41 3.10 -2.02 -0.82
CA THR A 41 3.08 -0.61 -0.49
C THR A 41 4.49 -0.15 -0.51
N HIS A 42 4.71 1.00 -1.15
CA HIS A 42 6.04 1.49 -1.42
C HIS A 42 6.29 2.81 -0.79
N ILE A 43 7.46 2.99 -0.17
CA ILE A 43 7.82 4.28 0.43
C ILE A 43 9.16 4.73 -0.12
N HIS A 44 9.15 5.87 -0.78
CA HIS A 44 10.36 6.44 -1.35
C HIS A 44 11.08 7.13 -0.23
N MET A 45 12.07 6.47 0.37
CA MET A 45 12.71 7.00 1.60
C MET A 45 13.65 8.19 1.30
N ASP A 46 14.66 7.93 0.49
CA ASP A 46 15.56 8.97 0.00
C ASP A 46 15.99 8.51 -1.42
N GLU A 47 17.05 9.13 -1.94
CA GLU A 47 17.53 8.96 -3.31
C GLU A 47 17.88 7.54 -3.59
N HIS A 48 18.41 6.84 -2.61
CA HIS A 48 18.79 5.46 -2.86
C HIS A 48 18.09 4.43 -1.96
N ASN A 49 16.93 4.74 -1.46
CA ASN A 49 16.25 3.75 -0.64
C ASN A 49 14.79 3.80 -0.92
N CYS A 50 14.29 2.63 -1.25
CA CYS A 50 12.85 2.41 -1.29
C CYS A 50 12.55 1.41 -0.16
N LEU A 51 11.44 1.62 0.58
CA LEU A 51 10.93 0.51 1.40
C LEU A 51 9.60 0.01 0.81
N GLU A 52 9.45 -1.31 0.76
CA GLU A 52 8.28 -1.99 0.27
C GLU A 52 7.79 -2.97 1.31
N THR A 53 6.47 -2.98 1.53
CA THR A 53 5.84 -4.03 2.29
C THR A 53 5.04 -4.85 1.27
N ILE A 54 5.37 -6.11 1.12
CA ILE A 54 4.77 -6.96 0.11
C ILE A 54 3.91 -7.97 0.86
N ILE A 55 2.57 -7.91 0.72
CA ILE A 55 1.68 -8.81 1.46
C ILE A 55 1.55 -10.08 0.64
N LEU A 56 1.65 -11.23 1.31
CA LEU A 56 1.77 -12.53 0.71
C LEU A 56 0.85 -13.53 1.41
N GLN A 57 0.46 -14.52 0.67
CA GLN A 57 -0.49 -15.45 1.12
C GLN A 57 -0.11 -16.79 0.45
N GLY A 58 -0.26 -17.85 1.22
CA GLY A 58 -0.04 -19.22 0.73
C GLY A 58 0.51 -20.09 1.85
N ASN A 59 0.99 -21.29 1.51
CA ASN A 59 1.51 -22.11 2.57
C ASN A 59 2.90 -21.65 2.91
N SER A 60 3.37 -22.14 4.03
CA SER A 60 4.67 -21.73 4.57
C SER A 60 5.84 -21.92 3.62
N PHE A 61 5.74 -22.94 2.77
CA PHE A 61 6.80 -23.28 1.85
C PHE A 61 6.79 -22.34 0.62
N GLU A 62 5.66 -22.20 -0.03
CA GLU A 62 5.48 -21.19 -1.12
C GLU A 62 5.96 -19.83 -0.69
N ILE A 63 5.66 -19.46 0.55
CA ILE A 63 5.97 -18.13 1.04
C ILE A 63 7.45 -17.95 1.33
N GLN A 64 8.08 -18.92 1.99
CA GLN A 64 9.52 -18.75 2.21
C GLN A 64 10.21 -18.76 0.90
N ARG A 65 9.68 -19.46 -0.09
CA ARG A 65 10.34 -19.47 -1.38
C ARG A 65 10.24 -18.17 -2.09
N LEU A 66 9.10 -17.47 -1.95
CA LEU A 66 8.97 -16.15 -2.52
C LEU A 66 9.93 -15.23 -1.88
N GLN A 67 10.04 -15.38 -0.55
CA GLN A 67 10.91 -14.58 0.23
C GLN A 67 12.35 -14.70 -0.29
N LEU A 68 12.86 -15.93 -0.42
CA LEU A 68 14.22 -16.14 -0.87
C LEU A 68 14.46 -15.61 -2.30
N GLU A 69 13.49 -15.79 -3.20
CA GLU A 69 13.59 -15.20 -4.55
C GLU A 69 13.82 -13.70 -4.51
N ILE A 70 12.90 -12.96 -3.91
CA ILE A 70 12.97 -11.48 -3.85
C ILE A 70 14.15 -11.07 -2.98
N GLY A 71 14.30 -11.71 -1.82
CA GLY A 71 15.35 -11.37 -0.83
C GLY A 71 16.79 -11.60 -1.23
N GLY A 72 17.02 -12.40 -2.28
CA GLY A 72 18.37 -12.68 -2.77
C GLY A 72 18.79 -11.77 -3.91
N LEU A 73 17.85 -11.06 -4.51
CA LEU A 73 18.21 -10.27 -5.67
C LEU A 73 19.30 -9.27 -5.31
N ARG A 74 20.18 -8.98 -6.27
CA ARG A 74 21.19 -7.94 -6.08
C ARG A 74 20.64 -6.53 -5.96
N GLY A 75 21.16 -5.81 -4.96
CA GLY A 75 20.73 -4.46 -4.59
C GLY A 75 19.59 -4.47 -3.56
N VAL A 76 19.19 -5.64 -3.09
CA VAL A 76 18.29 -5.72 -1.92
C VAL A 76 19.16 -5.59 -0.69
N LYS A 77 18.94 -4.52 0.04
CA LYS A 77 19.66 -4.30 1.29
C LYS A 77 19.13 -5.10 2.44
N PHE A 78 17.82 -5.31 2.48
CA PHE A 78 17.13 -5.82 3.65
C PHE A 78 15.85 -6.49 3.17
N ALA A 79 15.63 -7.71 3.66
CA ALA A 79 14.45 -8.50 3.30
C ALA A 79 13.86 -9.35 4.47
N LYS A 80 12.94 -8.85 5.25
CA LYS A 80 12.51 -9.66 6.39
C LYS A 80 11.02 -10.04 6.36
N LEU A 81 10.80 -11.33 6.52
CA LEU A 81 9.50 -11.93 6.59
C LEU A 81 8.87 -11.78 7.96
N THR A 82 7.64 -11.34 8.00
CA THR A 82 6.84 -11.50 9.20
C THR A 82 5.75 -12.50 8.84
N LYS A 83 5.76 -13.64 9.54
CA LYS A 83 4.79 -14.73 9.32
C LYS A 83 3.64 -14.62 10.34
N ALA A 84 2.41 -14.59 9.87
CA ALA A 84 1.28 -14.22 10.74
C ALA A 84 0.22 -15.30 11.03
N SER A 85 -0.72 -15.56 10.08
CA SER A 85 -1.86 -16.53 10.16
C SER A 85 -3.21 -15.86 10.53
N ASN B 3 -3.14 32.24 1.07
CA ASN B 3 -2.01 31.61 1.79
C ASN B 3 -1.22 30.54 0.94
N ASP B 4 -0.18 29.92 1.52
CA ASP B 4 0.56 28.77 0.93
C ASP B 4 -0.23 27.44 0.99
N GLU B 5 -0.17 26.71 -0.13
CA GLU B 5 -1.24 25.81 -0.55
C GLU B 5 -0.73 24.38 -0.90
N SER B 6 -0.08 23.71 0.06
CA SER B 6 0.17 22.25 -0.09
C SER B 6 -1.13 21.46 0.13
N LYS B 7 -1.41 20.59 -0.84
CA LYS B 7 -2.70 19.88 -1.03
C LYS B 7 -2.51 18.36 -1.32
N ILE B 8 -3.60 17.57 -1.16
CA ILE B 8 -3.58 16.08 -1.30
C ILE B 8 -4.20 15.61 -2.62
N ALA B 9 -3.54 14.67 -3.30
CA ALA B 9 -4.13 14.08 -4.46
C ALA B 9 -3.83 12.62 -4.59
N VAL B 10 -4.72 11.94 -5.31
CA VAL B 10 -4.50 10.59 -5.67
C VAL B 10 -4.36 10.38 -7.17
N LEU B 11 -3.21 9.89 -7.57
CA LEU B 11 -3.00 9.57 -8.98
C LEU B 11 -3.10 8.05 -9.22
N VAL B 12 -3.99 7.67 -10.12
CA VAL B 12 -4.33 6.25 -10.33
C VAL B 12 -3.76 5.92 -11.70
N VAL B 13 -3.05 4.79 -11.78
CA VAL B 13 -2.26 4.42 -12.96
C VAL B 13 -2.39 2.96 -13.22
N ILE B 14 -2.69 2.61 -14.49
CA ILE B 14 -2.66 1.27 -15.06
C ILE B 14 -1.52 1.22 -16.06
N TYR B 15 -0.64 0.26 -15.90
CA TYR B 15 0.43 0.16 -16.83
C TYR B 15 0.89 -1.25 -17.03
N ASP B 16 1.66 -1.39 -18.11
CA ASP B 16 2.17 -2.68 -18.58
C ASP B 16 3.53 -2.89 -17.94
N HIS B 17 3.69 -3.86 -17.06
CA HIS B 17 5.04 -4.04 -16.41
C HIS B 17 6.02 -4.76 -17.38
N HIS B 18 5.53 -5.38 -18.45
CA HIS B 18 6.43 -5.87 -19.48
C HIS B 18 7.23 -4.84 -20.20
N GLN B 19 6.74 -3.61 -20.23
CA GLN B 19 7.38 -2.51 -20.89
C GLN B 19 8.70 -2.19 -20.23
N ARG B 20 9.70 -1.99 -21.09
CA ARG B 20 11.14 -2.05 -20.83
C ARG B 20 11.46 -0.97 -19.80
N GLU B 21 11.64 -1.38 -18.55
CA GLU B 21 12.07 -0.49 -17.47
C GLU B 21 11.07 0.61 -17.05
N LEU B 22 9.81 0.39 -17.41
CA LEU B 22 8.74 1.21 -16.93
C LEU B 22 8.71 1.22 -15.39
N ASN B 23 8.91 0.11 -14.70
CA ASN B 23 8.76 0.19 -13.24
C ASN B 23 9.83 1.06 -12.62
N GLN B 24 11.08 0.89 -13.07
CA GLN B 24 12.21 1.75 -12.64
C GLN B 24 11.93 3.23 -12.92
N ARG B 25 11.44 3.56 -14.12
CA ARG B 25 11.27 4.97 -14.53
C ARG B 25 10.17 5.64 -13.73
N MET B 26 9.08 4.94 -13.48
CA MET B 26 8.03 5.50 -12.65
C MET B 26 8.54 5.77 -11.23
N ILE B 27 9.33 4.83 -10.72
CA ILE B 27 9.86 4.95 -9.38
C ILE B 27 10.80 6.17 -9.40
N ASP B 28 11.69 6.21 -10.37
CA ASP B 28 12.61 7.32 -10.54
C ASP B 28 11.95 8.70 -10.61
N ILE B 29 10.92 8.84 -11.45
CA ILE B 29 10.13 10.08 -11.51
C ILE B 29 9.68 10.46 -10.08
N GLN B 30 9.18 9.48 -9.33
CA GLN B 30 8.69 9.73 -7.99
C GLN B 30 9.83 10.19 -7.06
N HIS B 31 10.95 9.50 -6.99
CA HIS B 31 12.04 9.97 -6.13
C HIS B 31 12.57 11.39 -6.45
N ALA B 32 12.64 11.73 -7.74
CA ALA B 32 13.16 13.02 -8.24
C ALA B 32 12.19 14.25 -8.19
N SER B 33 10.88 14.06 -7.98
CA SER B 33 9.86 15.16 -8.02
C SER B 33 9.94 16.07 -6.75
N GLY B 34 9.33 17.26 -6.78
CA GLY B 34 9.32 18.17 -5.59
C GLY B 34 8.02 18.08 -4.79
N THR B 35 7.11 17.24 -5.27
CA THR B 35 5.97 16.78 -4.47
C THR B 35 6.47 15.87 -3.35
N HIS B 36 5.68 15.68 -2.34
CA HIS B 36 5.95 14.68 -1.30
C HIS B 36 5.00 13.52 -1.75
N VAL B 37 5.58 12.46 -2.32
CA VAL B 37 4.83 11.25 -2.57
C VAL B 37 4.73 10.60 -1.24
N LEU B 38 3.54 10.43 -0.74
CA LEU B 38 3.42 9.83 0.59
C LEU B 38 3.64 8.31 0.47
N CYS B 39 3.07 7.69 -0.56
CA CYS B 39 3.22 6.28 -0.72
C CYS B 39 2.54 5.84 -1.98
N THR B 40 2.93 4.65 -2.42
CA THR B 40 2.38 3.99 -3.60
C THR B 40 1.91 2.62 -3.20
N THR B 41 0.62 2.32 -3.51
CA THR B 41 0.11 0.97 -3.44
C THR B 41 -0.07 0.36 -4.84
N HIS B 42 0.27 -0.91 -4.96
CA HIS B 42 0.39 -1.62 -6.25
C HIS B 42 -0.36 -2.94 -6.18
N ILE B 43 -1.22 -3.18 -7.18
CA ILE B 43 -1.96 -4.41 -7.38
C ILE B 43 -1.46 -5.02 -8.68
N HIS B 44 -1.03 -6.27 -8.62
CA HIS B 44 -0.58 -6.95 -9.82
C HIS B 44 -1.86 -7.54 -10.42
N MET B 45 -2.41 -6.94 -11.46
CA MET B 45 -3.76 -7.27 -11.88
C MET B 45 -3.74 -8.56 -12.65
N ASP B 46 -2.73 -8.70 -13.50
CA ASP B 46 -2.56 -9.84 -14.39
C ASP B 46 -1.20 -9.66 -15.03
N GLU B 47 -0.89 -10.52 -15.97
CA GLU B 47 0.39 -10.56 -16.63
C GLU B 47 0.72 -9.23 -17.30
N HIS B 48 -0.28 -8.51 -17.78
CA HIS B 48 0.01 -7.20 -18.44
C HIS B 48 -0.51 -5.95 -17.75
N ASN B 49 -0.96 -6.07 -16.51
CA ASN B 49 -1.55 -4.92 -15.91
C ASN B 49 -1.16 -4.81 -14.47
N CYS B 50 -0.66 -3.66 -14.11
CA CYS B 50 -0.42 -3.27 -12.77
C CYS B 50 -1.26 -2.02 -12.57
N LEU B 51 -1.86 -1.92 -11.39
CA LEU B 51 -2.46 -0.74 -10.94
C LEU B 51 -1.72 -0.18 -9.71
N GLU B 52 -1.40 1.12 -9.77
CA GLU B 52 -0.89 1.90 -8.71
C GLU B 52 -1.80 3.07 -8.28
N THR B 53 -1.78 3.30 -6.99
CA THR B 53 -2.46 4.38 -6.33
C THR B 53 -1.28 5.18 -5.75
N ILE B 54 -1.00 6.36 -6.31
CA ILE B 54 0.09 7.21 -5.85
C ILE B 54 -0.51 8.40 -5.12
N ILE B 55 -0.26 8.44 -3.81
CA ILE B 55 -0.75 9.47 -2.94
C ILE B 55 0.27 10.59 -2.80
N LEU B 56 -0.19 11.81 -3.12
CA LEU B 56 0.68 12.96 -3.32
C LEU B 56 0.29 14.18 -2.45
N GLN B 57 1.29 14.98 -2.13
CA GLN B 57 1.09 16.21 -1.39
C GLN B 57 1.99 17.27 -1.93
N GLY B 58 1.48 18.43 -2.29
CA GLY B 58 2.30 19.55 -2.73
C GLY B 58 1.38 20.63 -3.33
N ASN B 59 1.95 21.53 -4.11
CA ASN B 59 1.12 22.57 -4.72
C ASN B 59 0.63 21.98 -6.06
N SER B 60 -0.44 22.52 -6.62
CA SER B 60 -1.04 21.95 -7.80
C SER B 60 -0.12 21.83 -9.02
N PHE B 61 0.99 22.59 -9.03
CA PHE B 61 1.88 22.65 -10.17
C PHE B 61 2.78 21.44 -10.19
N GLU B 62 3.35 21.10 -9.05
CA GLU B 62 4.27 19.98 -8.97
C GLU B 62 3.52 18.65 -9.12
N ILE B 63 2.28 18.64 -8.64
CA ILE B 63 1.43 17.51 -8.80
C ILE B 63 1.06 17.29 -10.28
N GLN B 64 0.63 18.36 -10.94
CA GLN B 64 0.24 18.28 -12.35
C GLN B 64 1.48 17.85 -13.17
N ARG B 65 2.67 18.31 -12.79
CA ARG B 65 3.93 17.92 -13.41
C ARG B 65 4.22 16.44 -13.31
N LEU B 66 4.02 15.90 -12.09
CA LEU B 66 4.17 14.47 -11.86
C LEU B 66 3.20 13.69 -12.73
N GLN B 67 1.91 14.05 -12.67
CA GLN B 67 0.88 13.43 -13.48
C GLN B 67 1.19 13.40 -14.99
N LEU B 68 1.46 14.58 -15.59
CA LEU B 68 1.83 14.63 -17.00
C LEU B 68 3.08 13.82 -17.29
N GLU B 69 4.06 13.84 -16.37
CA GLU B 69 5.24 13.05 -16.62
C GLU B 69 5.01 11.50 -16.64
N ILE B 70 4.24 10.99 -15.66
CA ILE B 70 3.88 9.56 -15.67
C ILE B 70 2.97 9.29 -16.85
N GLY B 71 1.98 10.15 -17.09
CA GLY B 71 1.05 10.08 -18.26
C GLY B 71 1.75 9.93 -19.62
N GLY B 72 3.05 10.32 -19.75
CA GLY B 72 3.74 10.29 -21.00
C GLY B 72 4.80 9.24 -21.18
N LEU B 73 4.88 8.27 -20.27
CA LEU B 73 5.75 7.10 -20.47
C LEU B 73 5.04 6.07 -21.35
N ARG B 74 5.80 5.48 -22.25
CA ARG B 74 5.25 4.44 -23.07
C ARG B 74 4.87 3.25 -22.17
N GLY B 75 3.68 2.66 -22.37
CA GLY B 75 3.29 1.50 -21.58
C GLY B 75 2.34 1.86 -20.41
N VAL B 76 2.22 3.15 -20.04
CA VAL B 76 1.22 3.56 -19.11
C VAL B 76 -0.06 3.62 -19.91
N LYS B 77 -1.13 2.97 -19.46
CA LYS B 77 -2.40 2.84 -20.16
C LYS B 77 -3.53 3.76 -19.71
N PHE B 78 -3.40 4.29 -18.49
CA PHE B 78 -4.47 5.07 -17.83
C PHE B 78 -3.76 5.85 -16.72
N ALA B 79 -4.12 7.13 -16.53
CA ALA B 79 -3.42 7.95 -15.50
C ALA B 79 -4.17 9.16 -14.99
N LYS B 80 -5.30 8.89 -14.31
CA LYS B 80 -6.16 9.90 -13.73
C LYS B 80 -5.87 10.38 -12.28
N LEU B 81 -5.84 11.69 -12.16
CA LEU B 81 -5.65 12.33 -10.90
C LEU B 81 -6.95 12.50 -10.17
N THR B 82 -6.97 12.22 -8.89
CA THR B 82 -8.10 12.66 -8.07
C THR B 82 -7.67 13.70 -7.05
N LYS B 83 -8.36 14.82 -7.04
CA LYS B 83 -7.96 15.93 -6.14
C LYS B 83 -8.72 15.91 -4.85
N ALA B 84 -8.00 15.98 -3.75
CA ALA B 84 -8.54 15.74 -2.43
C ALA B 84 -8.48 17.02 -1.62
N SER B 85 -8.90 17.01 -0.35
CA SER B 85 -8.58 18.12 0.61
C SER B 85 -8.80 17.82 2.12
N ASP C 4 -21.97 -7.83 -17.27
CA ASP C 4 -21.28 -8.78 -16.32
C ASP C 4 -19.72 -8.63 -16.23
N GLU C 5 -19.15 -7.67 -16.99
CA GLU C 5 -17.69 -7.57 -17.15
C GLU C 5 -17.00 -7.02 -15.89
N SER C 6 -16.01 -7.80 -15.40
CA SER C 6 -15.16 -7.48 -14.28
C SER C 6 -14.25 -6.27 -14.54
N LYS C 7 -14.20 -5.34 -13.60
CA LYS C 7 -13.48 -4.12 -13.75
C LYS C 7 -12.80 -3.82 -12.42
N ILE C 8 -11.78 -2.99 -12.42
CA ILE C 8 -11.03 -2.57 -11.20
C ILE C 8 -11.31 -1.10 -10.94
N ALA C 9 -11.38 -0.65 -9.68
CA ALA C 9 -11.71 0.77 -9.43
C ALA C 9 -11.07 1.25 -8.13
N VAL C 10 -10.90 2.58 -7.97
CA VAL C 10 -10.38 3.11 -6.74
C VAL C 10 -11.43 4.03 -6.20
N LEU C 11 -11.80 3.83 -4.95
CA LEU C 11 -12.71 4.78 -4.28
C LEU C 11 -11.84 5.60 -3.35
N VAL C 12 -11.82 6.92 -3.53
CA VAL C 12 -11.01 7.81 -2.72
C VAL C 12 -11.92 8.53 -1.71
N VAL C 13 -11.69 8.32 -0.41
CA VAL C 13 -12.61 8.83 0.64
C VAL C 13 -11.88 9.70 1.64
N ILE C 14 -12.50 10.81 2.03
CA ILE C 14 -12.00 11.55 3.19
C ILE C 14 -13.12 11.56 4.19
N TYR C 15 -12.77 11.32 5.43
CA TYR C 15 -13.71 11.33 6.43
C TYR C 15 -13.04 11.74 7.72
N ASP C 16 -13.86 11.85 8.74
CA ASP C 16 -13.40 12.30 10.05
C ASP C 16 -13.49 11.10 10.96
N HIS C 17 -12.37 10.61 11.45
CA HIS C 17 -12.46 9.41 12.31
C HIS C 17 -13.19 9.62 13.66
N HIS C 18 -13.40 10.89 14.08
CA HIS C 18 -14.11 11.18 15.36
C HIS C 18 -15.60 10.95 15.25
N GLN C 19 -16.11 10.87 14.01
CA GLN C 19 -17.50 10.45 13.80
C GLN C 19 -17.87 9.09 14.44
N ARG C 20 -18.81 9.11 15.39
CA ARG C 20 -19.18 7.91 16.14
C ARG C 20 -19.50 6.85 15.11
N GLU C 21 -18.86 5.70 15.25
CA GLU C 21 -19.23 4.53 14.46
C GLU C 21 -19.04 4.53 12.91
N LEU C 22 -18.42 5.56 12.36
CA LEU C 22 -18.19 5.60 10.95
C LEU C 22 -17.20 4.45 10.55
N ASN C 23 -16.14 4.31 11.35
CA ASN C 23 -15.16 3.26 11.10
C ASN C 23 -15.70 1.91 11.15
N GLN C 24 -16.54 1.62 12.13
CA GLN C 24 -17.17 0.29 12.15
C GLN C 24 -18.00 0.01 10.93
N ARG C 25 -18.78 0.99 10.54
CA ARG C 25 -19.71 0.82 9.44
C ARG C 25 -18.99 0.58 8.11
N MET C 26 -17.93 1.36 7.86
CA MET C 26 -17.12 1.26 6.66
C MET C 26 -16.43 -0.07 6.60
N ILE C 27 -15.88 -0.54 7.69
CA ILE C 27 -15.15 -1.81 7.65
C ILE C 27 -16.17 -2.95 7.56
N ASP C 28 -17.33 -2.78 8.21
CA ASP C 28 -18.42 -3.81 8.11
C ASP C 28 -18.86 -3.98 6.67
N ILE C 29 -19.10 -2.84 5.97
CA ILE C 29 -19.50 -2.86 4.56
C ILE C 29 -18.41 -3.69 3.77
N GLN C 30 -17.12 -3.40 4.00
CA GLN C 30 -16.06 -3.95 3.19
C GLN C 30 -15.93 -5.40 3.50
N HIS C 31 -15.89 -5.80 4.77
CA HIS C 31 -15.89 -7.23 5.12
C HIS C 31 -17.07 -8.08 4.61
N ALA C 32 -18.28 -7.51 4.60
CA ALA C 32 -19.46 -8.19 4.08
C ALA C 32 -19.52 -8.11 2.55
N SER C 33 -18.64 -7.33 1.92
CA SER C 33 -18.57 -7.27 0.44
C SER C 33 -17.74 -8.39 -0.30
N GLY C 34 -17.36 -9.46 0.40
CA GLY C 34 -16.69 -10.64 -0.24
C GLY C 34 -15.32 -10.27 -0.81
N THR C 35 -15.12 -10.56 -2.08
CA THR C 35 -13.84 -10.40 -2.76
C THR C 35 -13.79 -9.07 -3.55
N HIS C 36 -14.84 -8.27 -3.43
CA HIS C 36 -14.86 -6.94 -4.05
C HIS C 36 -13.87 -5.92 -3.61
N VAL C 37 -13.40 -6.01 -2.35
CA VAL C 37 -12.40 -5.09 -1.86
C VAL C 37 -11.03 -5.75 -1.88
N LEU C 38 -10.05 -5.13 -2.52
CA LEU C 38 -8.74 -5.77 -2.59
C LEU C 38 -7.91 -5.39 -1.42
N CYS C 39 -7.93 -4.10 -1.08
CA CYS C 39 -7.19 -3.55 0.01
C CYS C 39 -7.61 -2.05 0.15
N THR C 40 -7.10 -1.45 1.20
CA THR C 40 -7.26 -0.07 1.62
C THR C 40 -5.89 0.55 2.04
N THR C 41 -5.67 1.79 1.76
CA THR C 41 -4.47 2.50 2.20
C THR C 41 -4.98 3.75 2.80
N HIS C 42 -4.43 4.05 3.98
CA HIS C 42 -4.99 5.07 4.84
C HIS C 42 -3.89 6.07 5.11
N ILE C 43 -4.20 7.35 4.98
CA ILE C 43 -3.35 8.44 5.39
C ILE C 43 -4.09 9.31 6.42
N HIS C 44 -3.50 9.46 7.58
CA HIS C 44 -4.02 10.33 8.64
C HIS C 44 -3.52 11.74 8.39
N MET C 45 -4.38 12.56 7.83
CA MET C 45 -3.99 13.85 7.36
C MET C 45 -3.72 14.76 8.60
N ASP C 46 -4.73 14.92 9.44
CA ASP C 46 -4.62 15.74 10.66
C ASP C 46 -5.67 15.18 11.64
N GLU C 47 -6.00 15.93 12.70
CA GLU C 47 -6.80 15.38 13.77
C GLU C 47 -8.16 14.91 13.34
N HIS C 48 -8.76 15.60 12.38
CA HIS C 48 -10.09 15.28 11.88
C HIS C 48 -10.19 14.87 10.38
N ASN C 49 -9.08 14.48 9.79
CA ASN C 49 -9.14 14.01 8.40
C ASN C 49 -8.30 12.78 8.22
N CYS C 50 -8.99 11.72 7.79
CA CYS C 50 -8.29 10.59 7.20
C CYS C 50 -8.58 10.54 5.69
N LEU C 51 -7.57 10.22 4.88
CA LEU C 51 -7.83 9.90 3.50
C LEU C 51 -7.63 8.37 3.39
N GLU C 52 -8.64 7.69 2.81
CA GLU C 52 -8.52 6.32 2.38
C GLU C 52 -8.60 6.17 0.87
N THR C 53 -7.84 5.20 0.38
CA THR C 53 -7.83 4.79 -1.02
C THR C 53 -8.27 3.30 -0.98
N ILE C 54 -9.52 3.03 -1.42
CA ILE C 54 -10.14 1.72 -1.33
C ILE C 54 -10.21 1.08 -2.74
N ILE C 55 -9.56 -0.08 -2.88
CA ILE C 55 -9.35 -0.62 -4.23
C ILE C 55 -10.37 -1.73 -4.39
N LEU C 56 -11.09 -1.67 -5.50
CA LEU C 56 -12.35 -2.39 -5.68
C LEU C 56 -12.29 -3.16 -7.00
N GLN C 57 -13.04 -4.22 -7.09
CA GLN C 57 -12.93 -5.18 -8.21
C GLN C 57 -14.39 -5.64 -8.26
N GLY C 58 -14.98 -5.58 -9.45
CA GLY C 58 -16.22 -6.27 -9.80
C GLY C 58 -16.85 -5.64 -11.03
N ASN C 59 -18.16 -5.88 -11.26
CA ASN C 59 -18.80 -5.24 -12.37
C ASN C 59 -19.16 -3.86 -11.97
N SER C 60 -19.45 -3.02 -12.96
CA SER C 60 -19.62 -1.60 -12.74
C SER C 60 -20.81 -1.31 -11.79
N PHE C 61 -21.76 -2.24 -11.78
CA PHE C 61 -22.92 -2.13 -10.91
C PHE C 61 -22.58 -2.44 -9.42
N GLU C 62 -22.08 -3.65 -9.14
CA GLU C 62 -21.57 -4.01 -7.84
C GLU C 62 -20.66 -2.90 -7.30
N ILE C 63 -19.75 -2.38 -8.12
CA ILE C 63 -18.86 -1.30 -7.71
C ILE C 63 -19.59 -0.03 -7.33
N GLN C 64 -20.55 0.38 -8.15
CA GLN C 64 -21.20 1.66 -7.86
C GLN C 64 -21.99 1.56 -6.57
N ARG C 65 -22.57 0.42 -6.30
CA ARG C 65 -23.32 0.22 -5.09
C ARG C 65 -22.48 0.41 -3.82
N LEU C 66 -21.33 -0.26 -3.87
CA LEU C 66 -20.28 -0.18 -2.89
C LEU C 66 -19.92 1.23 -2.61
N GLN C 67 -19.75 2.00 -3.68
CA GLN C 67 -19.56 3.42 -3.59
C GLN C 67 -20.66 4.22 -2.89
N LEU C 68 -21.91 4.00 -3.28
CA LEU C 68 -22.99 4.69 -2.65
C LEU C 68 -23.08 4.31 -1.19
N GLU C 69 -22.70 3.05 -0.85
CA GLU C 69 -22.75 2.58 0.55
C GLU C 69 -21.74 3.29 1.43
N ILE C 70 -20.45 3.31 1.07
CA ILE C 70 -19.44 4.04 1.85
C ILE C 70 -19.75 5.51 1.72
N GLY C 71 -20.07 5.90 0.50
CA GLY C 71 -20.14 7.29 0.12
C GLY C 71 -21.18 8.08 0.83
N GLY C 72 -22.24 7.41 1.27
CA GLY C 72 -23.37 8.08 1.92
C GLY C 72 -23.34 8.11 3.44
N LEU C 73 -22.28 7.55 4.04
CA LEU C 73 -22.25 7.44 5.49
C LEU C 73 -22.04 8.80 6.06
N ARG C 74 -22.71 9.08 7.18
CA ARG C 74 -22.54 10.39 7.80
C ARG C 74 -21.10 10.49 8.33
N GLY C 75 -20.45 11.62 8.03
CA GLY C 75 -19.03 11.88 8.41
C GLY C 75 -18.02 11.76 7.27
N VAL C 76 -18.49 11.38 6.09
CA VAL C 76 -17.65 11.23 4.91
C VAL C 76 -17.80 12.59 4.26
N LYS C 77 -16.68 13.27 4.11
CA LYS C 77 -16.57 14.52 3.40
C LYS C 77 -16.49 14.38 1.90
N PHE C 78 -16.00 13.25 1.43
CA PHE C 78 -15.58 13.13 0.05
C PHE C 78 -15.49 11.68 -0.23
N ALA C 79 -16.13 11.29 -1.32
CA ALA C 79 -16.14 9.91 -1.81
C ALA C 79 -16.14 9.81 -3.38
N LYS C 80 -14.98 9.88 -4.01
CA LYS C 80 -14.90 9.84 -5.47
C LYS C 80 -14.30 8.53 -6.03
N LEU C 81 -14.94 8.02 -7.08
CA LEU C 81 -14.63 6.78 -7.72
C LEU C 81 -13.87 7.03 -9.02
N THR C 82 -12.75 6.35 -9.18
CA THR C 82 -12.06 6.26 -10.44
C THR C 82 -12.39 4.88 -11.08
N LYS C 83 -12.97 4.91 -12.26
CA LYS C 83 -13.35 3.72 -13.02
C LYS C 83 -12.22 3.26 -13.98
N ALA C 84 -11.80 1.98 -13.98
CA ALA C 84 -10.89 1.46 -15.07
C ALA C 84 -10.77 -0.05 -15.42
N ASN D 3 20.39 7.40 20.15
CA ASN D 3 19.10 7.25 19.41
C ASN D 3 18.80 8.48 18.53
N ASP D 4 18.52 9.61 19.19
CA ASP D 4 18.31 10.98 18.61
C ASP D 4 18.39 11.21 17.07
N GLU D 5 17.48 10.55 16.34
CA GLU D 5 17.46 10.55 14.86
C GLU D 5 16.16 10.06 14.21
N SER D 6 16.30 9.65 12.94
CA SER D 6 15.19 9.23 12.05
C SER D 6 15.28 7.72 11.72
N LYS D 7 14.20 7.01 12.02
CA LYS D 7 14.14 5.54 11.87
C LYS D 7 12.80 5.05 11.28
N ILE D 8 12.90 4.02 10.42
CA ILE D 8 11.74 3.47 9.78
C ILE D 8 11.42 2.08 10.37
N ALA D 9 10.15 1.85 10.72
CA ALA D 9 9.70 0.56 11.14
C ALA D 9 8.35 0.20 10.51
N VAL D 10 8.07 -1.10 10.39
CA VAL D 10 6.78 -1.56 9.97
C VAL D 10 6.09 -2.32 11.10
N LEU D 11 4.94 -1.82 11.53
CA LEU D 11 4.20 -2.58 12.57
C LEU D 11 3.12 -3.46 11.90
N VAL D 12 3.21 -4.76 12.13
CA VAL D 12 2.31 -5.72 11.47
C VAL D 12 1.30 -6.17 12.50
N VAL D 13 0.02 -5.93 12.21
CA VAL D 13 -1.07 -6.22 13.14
C VAL D 13 -2.13 -7.07 12.50
N ILE D 14 -2.61 -8.03 13.27
CA ILE D 14 -3.82 -8.81 12.99
C ILE D 14 -4.84 -8.65 14.11
N TYR D 15 -6.04 -8.24 13.74
CA TYR D 15 -7.07 -7.95 14.69
C TYR D 15 -8.47 -8.27 14.18
N ASP D 16 -9.41 -8.25 15.08
CA ASP D 16 -10.75 -8.74 14.86
C ASP D 16 -11.60 -7.49 14.75
N HIS D 17 -12.13 -7.15 13.57
CA HIS D 17 -12.84 -5.82 13.45
C HIS D 17 -14.28 -5.91 14.10
N HIS D 18 -14.75 -7.12 14.42
CA HIS D 18 -15.90 -7.25 15.33
C HIS D 18 -15.81 -6.69 16.74
N GLN D 19 -14.60 -6.42 17.25
CA GLN D 19 -14.40 -5.82 18.57
C GLN D 19 -14.81 -4.37 18.60
N ARG D 20 -15.71 -4.09 19.54
CA ARG D 20 -16.45 -2.84 19.63
C ARG D 20 -15.43 -1.70 19.70
N GLU D 21 -15.45 -0.82 18.70
CA GLU D 21 -14.67 0.42 18.72
C GLU D 21 -13.20 0.24 18.25
N LEU D 22 -12.78 -1.01 18.02
CA LEU D 22 -11.37 -1.32 17.80
C LEU D 22 -10.77 -0.60 16.62
N ASN D 23 -11.41 -0.56 15.46
CA ASN D 23 -10.77 0.10 14.30
C ASN D 23 -10.61 1.57 14.56
N GLN D 24 -11.60 2.13 15.23
CA GLN D 24 -11.66 3.53 15.63
C GLN D 24 -10.58 3.87 16.65
N ARG D 25 -10.39 3.03 17.68
CA ARG D 25 -9.28 3.22 18.63
C ARG D 25 -7.91 3.04 18.03
N MET D 26 -7.78 2.14 17.09
CA MET D 26 -6.46 1.96 16.49
C MET D 26 -6.08 3.18 15.63
N ILE D 27 -7.08 3.69 14.91
CA ILE D 27 -6.89 4.87 14.13
C ILE D 27 -6.56 6.06 15.06
N ASP D 28 -7.29 6.24 16.16
CA ASP D 28 -7.01 7.39 17.01
C ASP D 28 -5.63 7.38 17.70
N ILE D 29 -5.23 6.22 18.19
CA ILE D 29 -3.90 6.04 18.72
C ILE D 29 -2.97 6.62 17.66
N GLN D 30 -3.09 6.17 16.40
CA GLN D 30 -2.23 6.68 15.30
C GLN D 30 -2.30 8.20 15.08
N HIS D 31 -3.48 8.81 15.02
CA HIS D 31 -3.57 10.25 14.89
C HIS D 31 -2.90 10.99 16.04
N ALA D 32 -3.14 10.53 17.28
CA ALA D 32 -2.60 11.19 18.47
C ALA D 32 -1.05 11.04 18.67
N SER D 33 -0.40 10.12 17.93
CA SER D 33 1.03 9.79 18.16
C SER D 33 2.05 10.76 17.51
N GLY D 34 3.19 10.97 18.21
CA GLY D 34 4.30 11.87 17.79
C GLY D 34 5.34 11.07 16.99
N THR D 35 4.92 9.86 16.63
CA THR D 35 5.39 9.19 15.45
C THR D 35 4.78 9.92 14.26
N HIS D 36 5.46 9.87 13.13
CA HIS D 36 4.82 10.18 11.88
C HIS D 36 4.52 8.78 11.32
N VAL D 37 3.23 8.42 11.30
CA VAL D 37 2.79 7.22 10.62
C VAL D 37 2.75 7.63 9.17
N LEU D 38 3.57 7.02 8.34
CA LEU D 38 3.55 7.35 6.91
C LEU D 38 2.24 6.84 6.29
N CYS D 39 1.82 5.62 6.60
CA CYS D 39 0.56 5.13 6.04
C CYS D 39 0.30 3.75 6.65
N THR D 40 -0.89 3.24 6.39
CA THR D 40 -1.39 1.95 6.81
C THR D 40 -2.08 1.32 5.60
N THR D 41 -1.74 0.07 5.32
CA THR D 41 -2.41 -0.74 4.37
C THR D 41 -3.15 -1.86 5.10
N HIS D 42 -4.39 -2.09 4.71
CA HIS D 42 -5.31 -3.03 5.37
C HIS D 42 -5.85 -4.09 4.34
N ILE D 43 -5.87 -5.34 4.77
CA ILE D 43 -6.44 -6.51 4.07
C ILE D 43 -7.55 -7.03 4.92
N HIS D 44 -8.73 -7.18 4.34
CA HIS D 44 -9.86 -7.78 5.04
C HIS D 44 -9.72 -9.25 4.81
N MET D 45 -9.15 -9.97 5.76
CA MET D 45 -8.75 -11.36 5.52
C MET D 45 -9.96 -12.23 5.51
N ASP D 46 -10.88 -11.96 6.43
CA ASP D 46 -12.10 -12.77 6.53
C ASP D 46 -13.00 -12.07 7.49
N GLU D 47 -14.11 -12.70 7.84
CA GLU D 47 -15.07 -12.12 8.81
C GLU D 47 -14.46 -11.77 10.16
N HIS D 48 -13.43 -12.47 10.61
CA HIS D 48 -12.84 -12.10 11.93
C HIS D 48 -11.37 -11.65 11.89
N ASN D 49 -10.87 -11.26 10.74
CA ASN D 49 -9.46 -10.95 10.72
C ASN D 49 -9.24 -9.86 9.75
N CYS D 50 -8.58 -8.81 10.24
CA CYS D 50 -8.02 -7.80 9.40
C CYS D 50 -6.53 -7.81 9.61
N LEU D 51 -5.79 -7.54 8.54
CA LEU D 51 -4.37 -7.29 8.62
C LEU D 51 -4.02 -5.87 8.19
N GLU D 52 -3.28 -5.17 9.08
CA GLU D 52 -2.67 -3.91 8.82
C GLU D 52 -1.14 -3.92 8.90
N THR D 53 -0.54 -3.28 7.92
CA THR D 53 0.88 -2.94 7.96
C THR D 53 0.95 -1.45 8.14
N ILE D 54 1.47 -1.03 9.30
CA ILE D 54 1.50 0.34 9.64
C ILE D 54 2.92 0.69 9.54
N ILE D 55 3.22 1.69 8.71
CA ILE D 55 4.58 2.14 8.43
C ILE D 55 4.88 3.43 9.19
N LEU D 56 5.98 3.38 9.97
CA LEU D 56 6.27 4.40 10.98
C LEU D 56 7.67 5.00 10.83
N GLN D 57 7.74 6.26 11.25
CA GLN D 57 8.97 7.01 11.36
C GLN D 57 9.07 7.72 12.71
N GLY D 58 10.25 7.71 13.31
CA GLY D 58 10.43 8.35 14.62
C GLY D 58 11.66 7.82 15.34
N ASN D 59 11.89 8.32 16.54
CA ASN D 59 12.89 7.79 17.41
C ASN D 59 12.31 6.50 17.96
N SER D 60 13.16 5.61 18.44
CA SER D 60 12.77 4.29 18.89
C SER D 60 11.71 4.24 20.04
N PHE D 61 11.64 5.32 20.82
CA PHE D 61 10.89 5.36 22.05
C PHE D 61 9.45 5.44 21.64
N GLU D 62 9.21 6.29 20.66
CA GLU D 62 7.86 6.54 20.17
C GLU D 62 7.25 5.40 19.32
N ILE D 63 8.08 4.78 18.49
CA ILE D 63 7.73 3.56 17.74
C ILE D 63 7.33 2.49 18.76
N GLN D 64 8.21 2.26 19.74
CA GLN D 64 7.96 1.30 20.79
C GLN D 64 6.64 1.60 21.61
N ARG D 65 6.35 2.89 21.88
CA ARG D 65 5.14 3.32 22.55
C ARG D 65 3.90 3.02 21.72
N LEU D 66 4.03 3.24 20.41
CA LEU D 66 2.97 2.85 19.49
C LEU D 66 2.74 1.36 19.48
N GLN D 67 3.80 0.56 19.27
CA GLN D 67 3.64 -0.83 19.24
C GLN D 67 2.94 -1.37 20.51
N LEU D 68 3.46 -1.00 21.70
CA LEU D 68 2.81 -1.45 22.96
C LEU D 68 1.38 -1.02 23.08
N GLU D 69 1.10 0.19 22.67
CA GLU D 69 -0.25 0.66 22.89
C GLU D 69 -1.27 -0.09 21.99
N ILE D 70 -0.87 -0.42 20.74
CA ILE D 70 -1.71 -1.18 19.85
C ILE D 70 -1.83 -2.56 20.40
N GLY D 71 -0.69 -3.15 20.73
CA GLY D 71 -0.58 -4.51 21.27
C GLY D 71 -1.38 -4.70 22.56
N GLY D 72 -1.74 -3.61 23.26
CA GLY D 72 -2.48 -3.74 24.51
C GLY D 72 -3.97 -3.63 24.32
N LEU D 73 -4.44 -3.56 23.08
CA LEU D 73 -5.88 -3.43 22.83
C LEU D 73 -6.56 -4.81 22.72
N ARG D 74 -7.66 -4.98 23.44
CA ARG D 74 -8.48 -6.16 23.30
C ARG D 74 -8.95 -6.31 21.83
N GLY D 75 -8.77 -7.52 21.27
CA GLY D 75 -9.08 -7.81 19.88
C GLY D 75 -7.89 -7.85 18.93
N VAL D 76 -6.75 -7.27 19.33
CA VAL D 76 -5.53 -7.42 18.57
C VAL D 76 -5.01 -8.82 18.81
N LYS D 77 -4.87 -9.61 17.77
CA LYS D 77 -4.29 -10.97 17.88
C LYS D 77 -2.74 -11.12 17.76
N PHE D 78 -2.04 -10.07 17.35
CA PHE D 78 -0.68 -10.19 16.77
C PHE D 78 -0.23 -8.78 16.39
N ALA D 79 0.94 -8.35 16.88
CA ALA D 79 1.30 -6.93 16.77
C ALA D 79 2.75 -6.73 16.84
N LYS D 80 3.39 -7.18 15.74
CA LYS D 80 4.83 -7.36 15.59
C LYS D 80 5.58 -6.30 14.69
N LEU D 81 6.74 -5.88 15.18
CA LEU D 81 7.38 -4.74 14.63
C LEU D 81 8.57 -5.22 13.85
N THR D 82 8.82 -4.62 12.68
CA THR D 82 10.06 -4.85 11.96
C THR D 82 10.81 -3.54 11.95
N LYS D 83 12.02 -3.58 12.51
CA LYS D 83 12.91 -2.41 12.53
C LYS D 83 13.66 -2.47 11.23
N ALA D 84 13.53 -1.40 10.45
CA ALA D 84 14.03 -1.41 9.09
C ALA D 84 15.13 -0.39 9.00
N SER D 85 14.99 0.60 8.15
CA SER D 85 15.87 1.74 8.25
C SER D 85 17.23 1.40 7.62
CA GLY E 1 34.23 -15.94 -23.26
C GLY E 1 32.95 -16.69 -22.94
N SER E 2 33.05 -17.61 -21.96
CA SER E 2 31.86 -18.38 -21.49
C SER E 2 30.79 -17.50 -20.87
N SER E 3 31.25 -16.47 -20.14
CA SER E 3 30.38 -15.39 -19.63
C SER E 3 29.57 -14.71 -20.75
N SER E 4 30.28 -14.27 -21.80
CA SER E 4 29.69 -13.51 -22.90
C SER E 4 28.71 -14.39 -23.69
N GLY E 5 29.14 -15.62 -24.02
CA GLY E 5 28.25 -16.65 -24.58
C GLY E 5 26.94 -16.77 -23.80
N SER E 6 27.04 -16.74 -22.47
CA SER E 6 25.87 -16.80 -21.59
C SER E 6 25.08 -15.49 -21.38
N ALA E 7 25.73 -14.36 -21.10
CA ALA E 7 25.00 -13.10 -20.87
C ALA E 7 24.26 -12.57 -22.10
N SER E 8 24.79 -12.87 -23.29
CA SER E 8 24.07 -12.66 -24.55
C SER E 8 22.66 -13.25 -24.49
N GLY E 9 22.58 -14.57 -24.25
CA GLY E 9 21.33 -15.33 -24.10
C GLY E 9 20.37 -14.62 -23.16
N ALA E 10 20.93 -14.04 -22.08
CA ALA E 10 20.18 -13.25 -21.08
C ALA E 10 19.53 -11.95 -21.60
N GLY E 11 20.06 -11.36 -22.68
CA GLY E 11 19.38 -10.25 -23.38
NI NI F . 10.87 4.42 -3.99
NI NI G . 2.28 -5.35 -10.73
N1 EPE H . -22.13 22.02 4.97
C2 EPE H . -22.41 21.20 6.16
C3 EPE H . -23.74 20.47 5.94
N4 EPE H . -24.62 21.15 4.99
C5 EPE H . -24.52 22.60 4.79
C6 EPE H . -23.10 23.14 4.92
C7 EPE H . -25.70 20.41 4.36
C8 EPE H . -26.94 21.27 4.13
O8 EPE H . -26.74 22.53 4.75
C9 EPE H . -22.30 21.15 3.79
C10 EPE H . -22.54 21.98 2.53
S EPE H . -22.19 23.73 2.83
O1S EPE H . -21.36 23.83 4.04
O2S EPE H . -23.46 24.41 3.07
O3S EPE H . -21.49 24.34 1.69
NI NI I . -6.55 8.39 9.93
N1 EPE J . -32.81 12.66 15.75
C2 EPE J . -31.72 11.90 15.08
C3 EPE J . -31.84 11.92 13.56
N4 EPE J . -31.99 13.27 13.01
C5 EPE J . -32.46 14.31 13.91
C6 EPE J . -33.45 13.68 14.89
C7 EPE J . -32.12 13.43 11.58
C8 EPE J . -31.91 12.09 10.90
O8 EPE J . -32.27 12.19 9.55
C9 EPE J . -32.28 13.35 16.93
C10 EPE J . -31.08 14.15 16.46
S EPE J . -29.59 13.21 16.88
O1S EPE J . -29.28 13.50 18.28
O2S EPE J . -28.47 13.59 16.02
O3S EPE J . -29.90 11.78 16.72
C1 PEG K . -12.20 24.53 -5.66
O1 PEG K . -11.22 25.59 -5.70
C2 PEG K . -12.25 23.74 -6.99
O2 PEG K . -12.88 22.47 -6.81
C3 PEG K . -14.33 22.54 -6.85
C4 PEG K . -15.03 22.43 -5.47
O4 PEG K . -16.40 22.04 -5.65
C1 PEG L . -21.58 19.99 -4.20
O1 PEG L . -22.24 20.36 -5.42
C2 PEG L . -20.60 18.86 -4.49
O2 PEG L . -19.24 19.30 -4.25
C3 PEG L . -18.38 19.03 -5.37
C4 PEG L . -17.62 17.69 -5.21
O4 PEG L . -16.88 17.70 -3.99
C1 PEG M . -23.27 15.52 -4.89
O1 PEG M . -22.37 15.89 -3.81
C2 PEG M . -24.51 16.43 -4.94
O2 PEG M . -25.63 15.80 -5.61
C3 PEG M . -25.27 14.95 -6.72
C4 PEG M . -26.18 13.73 -6.76
O4 PEG M . -26.11 13.10 -8.06
NI NI N . -10.60 -5.50 7.44
#